data_5VBQ
#
_entry.id   5VBQ
#
_cell.length_a   65.590
_cell.length_b   31.000
_cell.length_c   69.470
_cell.angle_alpha   90.000
_cell.angle_beta   96.900
_cell.angle_gamma   90.000
#
_symmetry.space_group_name_H-M   'P 1 21 1'
#
loop_
_entity.id
_entity.type
_entity.pdbx_description
1 polymer 'Bromodomain testis-specific protein'
2 non-polymer 4-{[(7R)-8-cyclopentyl-7-ethyl-5-methyl-6-oxo-5,6,7,8-tetrahydropteridin-2-yl]amino}-3-methoxy-N-(1-methylpiperidin-4-yl)benzamide
3 non-polymer 'CHLORIDE ION'
4 non-polymer 1,2-ETHANEDIOL
5 water water
#
_entity_poly.entity_id   1
_entity_poly.type   'polypeptide(L)'
_entity_poly.pdbx_seq_one_letter_code
;GAASTNQLQYLQKVVLKDLWKHSFSWPFQRPVDAVKLQLPDYYTIIKNPMDLNTIKKRLENKYYAKASECIEDFNTMFSN
CYLYNKPGDDIVLMAQALEKLFMQKLSQMPQEE
;
_entity_poly.pdbx_strand_id   A,B
#
loop_
_chem_comp.id
_chem_comp.type
_chem_comp.name
_chem_comp.formula
CL non-polymer 'CHLORIDE ION' 'Cl -1'
EDO non-polymer 1,2-ETHANEDIOL 'C2 H6 O2'
R78 non-polymer 4-{[(7R)-8-cyclopentyl-7-ethyl-5-methyl-6-oxo-5,6,7,8-tetrahydropteridin-2-yl]amino}-3-methoxy-N-(1-methylpiperidin-4-yl)benzamide 'C28 H39 N7 O3'
#
# COMPACT_ATOMS: atom_id res chain seq x y z
N GLY A 1 -20.65 -18.13 2.92
CA GLY A 1 -21.31 -16.86 2.64
C GLY A 1 -20.88 -16.26 1.32
N ALA A 2 -21.30 -15.03 1.07
CA ALA A 2 -20.98 -14.35 -0.18
C ALA A 2 -19.49 -14.09 -0.27
N ALA A 3 -19.03 -13.73 -1.46
CA ALA A 3 -17.62 -13.41 -1.70
C ALA A 3 -17.08 -12.40 -0.69
N SER A 4 -17.83 -11.33 -0.47
CA SER A 4 -17.35 -10.28 0.44
C SER A 4 -17.19 -10.77 1.87
N THR A 5 -18.07 -11.69 2.27
CA THR A 5 -17.98 -12.30 3.59
C THR A 5 -16.72 -13.14 3.66
N ASN A 6 -16.49 -13.96 2.63
CA ASN A 6 -15.29 -14.79 2.61
C ASN A 6 -14.01 -13.93 2.60
N GLN A 7 -14.06 -12.78 1.92
CA GLN A 7 -12.89 -11.92 1.86
C GLN A 7 -12.51 -11.37 3.23
N LEU A 8 -13.49 -10.86 3.99
CA LEU A 8 -13.19 -10.31 5.31
C LEU A 8 -12.84 -11.41 6.27
N GLN A 9 -13.49 -12.56 6.13
CA GLN A 9 -13.11 -13.71 6.93
C GLN A 9 -11.65 -14.12 6.66
N TYR A 10 -11.26 -14.10 5.39
CA TYR A 10 -9.91 -14.44 5.00
C TYR A 10 -8.91 -13.45 5.60
N LEU A 11 -9.25 -12.16 5.54
CA LEU A 11 -8.36 -11.15 6.12
C LEU A 11 -8.15 -11.37 7.62
N GLN A 12 -9.19 -11.78 8.33
CA GLN A 12 -9.07 -12.01 9.75
C GLN A 12 -8.37 -13.32 10.08
N LYS A 13 -8.89 -14.41 9.52
CA LYS A 13 -8.50 -15.75 9.95
C LYS A 13 -7.16 -16.20 9.35
N VAL A 14 -6.79 -15.65 8.20
CA VAL A 14 -5.54 -16.01 7.53
C VAL A 14 -4.55 -14.86 7.48
N VAL A 15 -4.92 -13.73 6.87
CA VAL A 15 -3.94 -12.68 6.64
C VAL A 15 -3.44 -12.06 7.95
N LEU A 16 -4.36 -11.62 8.78
CA LEU A 16 -3.98 -11.02 10.05
C LEU A 16 -3.24 -12.02 10.92
N LYS A 17 -3.76 -13.24 10.95
CA LYS A 17 -3.17 -14.26 11.81
C LYS A 17 -1.73 -14.58 11.37
N ASP A 18 -1.52 -14.73 10.06
CA ASP A 18 -0.19 -15.08 9.59
C ASP A 18 0.78 -13.90 9.75
N LEU A 19 0.32 -12.67 9.55
CA LEU A 19 1.20 -11.53 9.81
C LEU A 19 1.59 -11.48 11.29
N TRP A 20 0.60 -11.66 12.16
CA TRP A 20 0.86 -11.64 13.59
C TRP A 20 1.87 -12.70 14.01
N LYS A 21 1.77 -13.88 13.41
CA LYS A 21 2.67 -14.98 13.77
C LYS A 21 4.11 -14.76 13.26
N HIS A 22 4.27 -13.88 12.27
CA HIS A 22 5.60 -13.59 11.71
C HIS A 22 6.47 -12.98 12.78
N SER A 23 7.74 -13.36 12.80
N SER A 23 7.74 -13.37 12.84
CA SER A 23 8.67 -12.95 13.84
CA SER A 23 8.62 -12.93 13.91
C SER A 23 8.96 -11.46 13.90
C SER A 23 8.76 -11.42 13.97
N PHE A 24 8.62 -10.75 12.82
CA PHE A 24 8.84 -9.31 12.76
C PHE A 24 7.57 -8.52 13.07
N SER A 25 6.49 -9.15 13.51
CA SER A 25 5.26 -8.40 13.73
C SER A 25 5.24 -7.60 15.00
N TRP A 26 6.13 -7.89 15.95
CA TRP A 26 5.96 -7.31 17.28
C TRP A 26 5.89 -5.79 17.34
N PRO A 27 6.66 -5.04 16.52
CA PRO A 27 6.51 -3.58 16.66
C PRO A 27 5.15 -3.08 16.22
N PHE A 28 4.45 -3.90 15.45
CA PHE A 28 3.18 -3.48 14.83
C PHE A 28 1.96 -4.03 15.56
N GLN A 29 2.16 -4.74 16.69
CA GLN A 29 1.07 -5.36 17.43
C GLN A 29 0.31 -4.44 18.38
N ARG A 30 0.82 -3.23 18.63
CA ARG A 30 0.11 -2.27 19.45
C ARG A 30 0.33 -0.90 18.89
N PRO A 31 -0.57 0.03 19.20
CA PRO A 31 -0.30 1.42 18.88
C PRO A 31 1.04 1.90 19.42
N VAL A 32 1.66 2.81 18.67
CA VAL A 32 2.87 3.45 19.10
C VAL A 32 2.65 4.22 20.38
N ASP A 33 3.46 3.90 21.39
CA ASP A 33 3.44 4.59 22.68
C ASP A 33 4.57 5.60 22.64
N ALA A 34 4.21 6.86 22.38
CA ALA A 34 5.18 7.90 22.09
C ALA A 34 6.01 8.23 23.33
N VAL A 35 5.43 8.11 24.51
CA VAL A 35 6.19 8.42 25.73
C VAL A 35 7.20 7.31 25.99
N LYS A 36 6.74 6.07 25.96
CA LYS A 36 7.61 4.93 26.19
C LYS A 36 8.79 4.92 25.21
N LEU A 37 8.50 5.19 23.94
CA LEU A 37 9.52 5.08 22.91
C LEU A 37 10.35 6.36 22.75
N GLN A 38 9.99 7.38 23.52
CA GLN A 38 10.74 8.64 23.52
C GLN A 38 10.66 9.35 22.18
N LEU A 39 9.45 9.42 21.62
CA LEU A 39 9.23 10.03 20.29
C LEU A 39 8.10 11.07 20.33
N PRO A 40 8.39 12.24 20.89
CA PRO A 40 7.36 13.26 21.03
C PRO A 40 6.76 13.67 19.70
N ASP A 41 7.48 13.52 18.59
CA ASP A 41 6.93 14.00 17.34
C ASP A 41 6.09 12.97 16.57
N TYR A 42 5.97 11.74 17.07
CA TYR A 42 5.37 10.69 16.26
C TYR A 42 3.96 11.07 15.81
N TYR A 43 3.12 11.52 16.73
CA TYR A 43 1.73 11.77 16.39
C TYR A 43 1.51 13.18 15.80
N THR A 44 2.57 13.96 15.77
CA THR A 44 2.59 15.18 14.94
C THR A 44 2.79 14.83 13.47
N ILE A 45 3.60 13.81 13.21
CA ILE A 45 3.95 13.39 11.85
C ILE A 45 2.92 12.45 11.29
N ILE A 46 2.49 11.52 12.12
CA ILE A 46 1.60 10.44 11.68
C ILE A 46 0.19 10.77 12.18
N LYS A 47 -0.66 11.18 11.24
CA LYS A 47 -2.00 11.63 11.57
C LYS A 47 -3.09 10.56 11.40
N ASN A 48 -2.75 9.42 10.79
CA ASN A 48 -3.66 8.29 10.68
C ASN A 48 -2.89 7.04 11.17
N PRO A 49 -2.59 6.98 12.48
CA PRO A 49 -1.91 5.84 13.05
C PRO A 49 -2.70 4.56 12.85
N MET A 50 -1.96 3.46 12.74
CA MET A 50 -2.59 2.16 12.58
C MET A 50 -1.67 1.08 13.06
N ASP A 51 -2.26 0.01 13.57
CA ASP A 51 -1.51 -1.14 14.08
C ASP A 51 -2.36 -2.39 13.93
N LEU A 52 -1.72 -3.55 14.08
CA LEU A 52 -2.44 -4.82 13.91
C LEU A 52 -3.50 -5.08 14.96
N ASN A 53 -3.32 -4.60 16.19
CA ASN A 53 -4.35 -4.85 17.19
C ASN A 53 -5.62 -4.05 16.90
N THR A 54 -5.45 -2.84 16.40
CA THR A 54 -6.60 -2.05 15.97
C THR A 54 -7.36 -2.73 14.84
N ILE A 55 -6.60 -3.24 13.88
CA ILE A 55 -7.20 -3.99 12.78
C ILE A 55 -7.92 -5.25 13.30
N LYS A 56 -7.24 -5.99 14.18
CA LYS A 56 -7.85 -7.15 14.84
C LYS A 56 -9.20 -6.85 15.49
N LYS A 57 -9.22 -5.78 16.28
CA LYS A 57 -10.45 -5.41 16.99
C LYS A 57 -11.54 -5.02 16.00
N ARG A 58 -11.14 -4.28 14.96
CA ARG A 58 -12.11 -3.85 13.97
C ARG A 58 -12.73 -5.04 13.24
N LEU A 59 -11.91 -6.03 12.89
CA LEU A 59 -12.46 -7.21 12.27
C LEU A 59 -13.37 -7.98 13.23
N GLU A 60 -12.96 -8.11 14.48
CA GLU A 60 -13.77 -8.81 15.48
C GLU A 60 -15.11 -8.12 15.70
N ASN A 61 -15.07 -6.79 15.66
CA ASN A 61 -16.25 -5.97 15.93
C ASN A 61 -17.13 -5.73 14.69
N LYS A 62 -16.73 -6.31 13.56
CA LYS A 62 -17.47 -6.19 12.31
C LYS A 62 -17.57 -4.72 11.87
N TYR A 63 -16.50 -3.99 12.11
CA TYR A 63 -16.43 -2.58 11.79
C TYR A 63 -16.35 -2.33 10.29
N TYR A 64 -15.60 -3.17 9.57
CA TYR A 64 -15.45 -2.98 8.13
C TYR A 64 -16.64 -3.50 7.37
N ALA A 65 -17.14 -2.69 6.45
CA ALA A 65 -18.24 -3.10 5.59
C ALA A 65 -17.75 -3.94 4.42
N LYS A 66 -16.51 -3.74 4.01
CA LYS A 66 -15.96 -4.50 2.89
C LYS A 66 -14.44 -4.65 3.02
N ALA A 67 -13.90 -5.62 2.29
CA ALA A 67 -12.50 -5.95 2.45
C ALA A 67 -11.58 -4.79 2.11
N SER A 68 -11.94 -3.98 1.11
CA SER A 68 -11.03 -2.89 0.73
C SER A 68 -10.74 -1.93 1.87
N GLU A 69 -11.70 -1.73 2.78
CA GLU A 69 -11.51 -0.83 3.90
C GLU A 69 -10.46 -1.37 4.85
N CYS A 70 -10.48 -2.68 5.05
CA CYS A 70 -9.52 -3.32 5.92
C CYS A 70 -8.12 -3.28 5.27
N ILE A 71 -8.07 -3.58 3.98
CA ILE A 71 -6.80 -3.52 3.25
C ILE A 71 -6.20 -2.10 3.33
N GLU A 72 -7.03 -1.06 3.19
CA GLU A 72 -6.55 0.32 3.40
C GLU A 72 -5.86 0.50 4.75
N ASP A 73 -6.43 -0.05 5.83
CA ASP A 73 -5.75 0.04 7.12
C ASP A 73 -4.41 -0.69 7.18
N PHE A 74 -4.29 -1.88 6.59
CA PHE A 74 -2.99 -2.53 6.54
C PHE A 74 -1.97 -1.67 5.77
N ASN A 75 -2.39 -1.13 4.63
CA ASN A 75 -1.48 -0.32 3.81
C ASN A 75 -1.06 0.95 4.57
N THR A 76 -1.98 1.53 5.34
CA THR A 76 -1.66 2.71 6.13
C THR A 76 -0.58 2.39 7.17
N MET A 77 -0.70 1.23 7.78
CA MET A 77 0.27 0.81 8.76
C MET A 77 1.68 0.76 8.13
N PHE A 78 1.79 0.16 6.96
CA PHE A 78 3.10 0.08 6.28
C PHE A 78 3.54 1.47 5.83
N SER A 79 2.63 2.26 5.26
CA SER A 79 3.02 3.58 4.78
C SER A 79 3.50 4.48 5.90
N ASN A 80 2.86 4.38 7.07
CA ASN A 80 3.29 5.21 8.20
C ASN A 80 4.73 4.88 8.56
N CYS A 81 5.07 3.59 8.53
CA CYS A 81 6.40 3.19 8.90
C CYS A 81 7.41 3.73 7.87
N TYR A 82 7.09 3.64 6.58
CA TYR A 82 7.99 4.17 5.55
C TYR A 82 8.14 5.68 5.65
N LEU A 83 7.06 6.40 5.95
CA LEU A 83 7.08 7.86 6.03
C LEU A 83 7.88 8.37 7.23
N TYR A 84 7.66 7.77 8.40
CA TYR A 84 8.25 8.28 9.62
C TYR A 84 9.75 7.98 9.71
N ASN A 85 10.15 6.81 9.23
CA ASN A 85 11.51 6.31 9.43
C ASN A 85 12.37 6.57 8.21
N LYS A 86 13.61 6.15 8.29
CA LYS A 86 14.57 6.43 7.23
C LYS A 86 14.92 5.16 6.49
N PRO A 87 15.28 5.30 5.22
CA PRO A 87 15.80 4.17 4.44
C PRO A 87 16.92 3.48 5.17
N GLY A 88 16.82 2.16 5.18
CA GLY A 88 17.82 1.31 5.76
C GLY A 88 17.63 1.04 7.23
N ASP A 89 16.72 1.75 7.89
CA ASP A 89 16.44 1.47 9.30
C ASP A 89 15.93 0.03 9.47
N ASP A 90 16.30 -0.61 10.58
CA ASP A 90 15.80 -1.94 10.86
C ASP A 90 14.28 -2.03 10.86
N ILE A 91 13.60 -1.03 11.38
CA ILE A 91 12.15 -1.11 11.43
C ILE A 91 11.56 -1.12 10.02
N VAL A 92 12.21 -0.42 9.10
CA VAL A 92 11.74 -0.42 7.72
C VAL A 92 11.97 -1.76 7.07
N LEU A 93 13.13 -2.37 7.29
CA LEU A 93 13.36 -3.72 6.77
C LEU A 93 12.32 -4.71 7.29
N MET A 94 11.95 -4.56 8.55
CA MET A 94 10.92 -5.40 9.16
C MET A 94 9.57 -5.19 8.51
N ALA A 95 9.18 -3.92 8.34
CA ALA A 95 7.96 -3.60 7.64
C ALA A 95 7.96 -4.16 6.23
N GLN A 96 9.08 -4.08 5.54
CA GLN A 96 9.11 -4.56 4.15
C GLN A 96 8.90 -6.07 4.10
N ALA A 97 9.45 -6.80 5.06
CA ALA A 97 9.31 -8.26 5.07
C ALA A 97 7.86 -8.62 5.37
N LEU A 98 7.24 -7.89 6.30
CA LEU A 98 5.84 -8.13 6.61
C LEU A 98 4.95 -7.78 5.44
N GLU A 99 5.28 -6.70 4.74
CA GLU A 99 4.45 -6.28 3.62
C GLU A 99 4.56 -7.33 2.50
N LYS A 100 5.75 -7.90 2.30
CA LYS A 100 5.90 -8.95 1.30
C LYS A 100 4.96 -10.12 1.61
N LEU A 101 4.89 -10.51 2.88
CA LEU A 101 3.97 -11.57 3.28
C LEU A 101 2.52 -11.13 3.04
N PHE A 102 2.19 -9.91 3.44
CA PHE A 102 0.85 -9.36 3.19
C PHE A 102 0.47 -9.45 1.72
N MET A 103 1.37 -9.02 0.83
CA MET A 103 1.08 -9.03 -0.60
C MET A 103 0.90 -10.46 -1.10
N GLN A 104 1.68 -11.38 -0.55
CA GLN A 104 1.54 -12.77 -0.97
C GLN A 104 0.16 -13.31 -0.56
N LYS A 105 -0.29 -12.98 0.64
CA LYS A 105 -1.56 -13.50 1.08
C LYS A 105 -2.67 -12.82 0.29
N LEU A 106 -2.51 -11.52 -0.02
CA LEU A 106 -3.52 -10.84 -0.85
C LEU A 106 -3.66 -11.39 -2.26
N SER A 107 -2.57 -11.90 -2.80
CA SER A 107 -2.61 -12.43 -4.14
C SER A 107 -3.51 -13.65 -4.20
N GLN A 108 -3.84 -14.25 -3.05
CA GLN A 108 -4.72 -15.41 -2.99
C GLN A 108 -6.11 -15.08 -2.45
N MET A 109 -6.40 -13.80 -2.29
CA MET A 109 -7.72 -13.32 -1.94
C MET A 109 -8.80 -13.90 -2.83
N PRO A 110 -9.85 -14.53 -2.25
CA PRO A 110 -10.89 -15.07 -3.13
C PRO A 110 -11.76 -13.98 -3.80
N GLN A 111 -12.29 -14.25 -4.99
CA GLN A 111 -13.14 -13.28 -5.67
C GLN A 111 -14.48 -13.91 -6.08
N GLU A 112 -14.54 -15.24 -6.03
CA GLU A 112 -15.75 -16.02 -6.36
C GLU A 112 -16.56 -15.44 -7.51
N GLY B 1 -11.73 -18.58 -17.73
CA GLY B 1 -11.06 -17.80 -16.71
C GLY B 1 -10.54 -16.47 -17.23
N ALA B 2 -11.25 -15.40 -16.90
CA ALA B 2 -10.85 -14.06 -17.32
C ALA B 2 -11.61 -13.01 -16.51
N ALA B 3 -11.95 -13.34 -15.27
CA ALA B 3 -12.67 -12.42 -14.40
C ALA B 3 -11.70 -11.42 -13.79
N SER B 4 -10.43 -11.81 -13.72
CA SER B 4 -9.39 -10.87 -13.35
C SER B 4 -9.03 -10.02 -14.56
N THR B 5 -9.52 -10.41 -15.75
CA THR B 5 -9.35 -9.56 -16.93
C THR B 5 -10.28 -8.36 -16.80
N ASN B 6 -11.47 -8.59 -16.25
CA ASN B 6 -12.39 -7.50 -15.96
C ASN B 6 -11.78 -6.59 -14.91
N GLN B 7 -11.08 -7.14 -13.93
CA GLN B 7 -10.46 -6.30 -12.91
C GLN B 7 -9.24 -5.59 -13.48
N LEU B 8 -8.48 -6.28 -14.33
CA LEU B 8 -7.32 -5.66 -14.98
C LEU B 8 -7.76 -4.58 -15.96
N GLN B 9 -8.89 -4.80 -16.62
CA GLN B 9 -9.44 -3.78 -17.50
C GLN B 9 -9.88 -2.54 -16.72
N TYR B 10 -10.49 -2.75 -15.56
CA TYR B 10 -10.84 -1.65 -14.67
C TYR B 10 -9.60 -0.87 -14.23
N LEU B 11 -8.58 -1.61 -13.81
CA LEU B 11 -7.33 -0.97 -13.41
C LEU B 11 -6.74 -0.11 -14.54
N GLN B 12 -6.91 -0.55 -15.80
CA GLN B 12 -6.36 0.19 -16.92
C GLN B 12 -7.24 1.38 -17.33
N LYS B 13 -8.51 1.09 -17.57
CA LYS B 13 -9.40 2.05 -18.18
C LYS B 13 -10.04 3.03 -17.19
N VAL B 14 -10.04 2.69 -15.91
CA VAL B 14 -10.59 3.56 -14.88
C VAL B 14 -9.51 4.07 -13.92
N VAL B 15 -8.82 3.16 -13.23
CA VAL B 15 -7.91 3.59 -12.16
C VAL B 15 -6.71 4.34 -12.72
N LEU B 16 -6.01 3.72 -13.67
CA LEU B 16 -4.83 4.37 -14.26
C LEU B 16 -5.21 5.66 -14.92
N LYS B 17 -6.27 5.62 -15.72
CA LYS B 17 -6.69 6.81 -16.44
C LYS B 17 -7.03 7.95 -15.47
N ASP B 18 -7.74 7.65 -14.39
CA ASP B 18 -8.18 8.70 -13.48
C ASP B 18 -7.01 9.25 -12.70
N LEU B 19 -6.04 8.39 -12.35
CA LEU B 19 -4.86 8.85 -11.61
C LEU B 19 -4.06 9.74 -12.53
N TRP B 20 -3.94 9.35 -13.79
CA TRP B 20 -3.15 10.14 -14.73
C TRP B 20 -3.75 11.53 -14.93
N LYS B 21 -5.07 11.61 -14.98
CA LYS B 21 -5.78 12.86 -15.17
C LYS B 21 -5.69 13.82 -13.97
N HIS B 22 -5.39 13.28 -12.79
CA HIS B 22 -5.33 14.06 -11.57
C HIS B 22 -4.21 15.10 -11.73
N SER B 23 -4.45 16.32 -11.26
CA SER B 23 -3.47 17.39 -11.47
C SER B 23 -2.14 17.15 -10.76
N PHE B 24 -2.11 16.24 -9.81
CA PHE B 24 -0.86 15.95 -9.10
C PHE B 24 -0.11 14.75 -9.66
N SER B 25 -0.54 14.19 -10.78
CA SER B 25 0.10 12.97 -11.28
C SER B 25 1.45 13.22 -11.93
N TRP B 26 1.76 14.46 -12.29
CA TRP B 26 2.92 14.70 -13.16
C TRP B 26 4.26 14.15 -12.61
N PRO B 27 4.53 14.24 -11.29
CA PRO B 27 5.82 13.68 -10.85
C PRO B 27 5.92 12.17 -11.01
N PHE B 28 4.76 11.52 -11.17
CA PHE B 28 4.70 10.06 -11.18
C PHE B 28 4.49 9.47 -12.56
N GLN B 29 4.47 10.33 -13.59
CA GLN B 29 4.24 9.90 -14.96
C GLN B 29 5.45 9.36 -15.69
N ARG B 30 6.64 9.49 -15.12
CA ARG B 30 7.84 8.95 -15.74
C ARG B 30 8.79 8.49 -14.65
N PRO B 31 9.72 7.59 -15.00
CA PRO B 31 10.74 7.19 -14.02
C PRO B 31 11.55 8.39 -13.53
N VAL B 32 11.99 8.34 -12.29
CA VAL B 32 12.85 9.35 -11.73
C VAL B 32 14.18 9.44 -12.48
N ASP B 33 14.50 10.66 -12.93
CA ASP B 33 15.76 10.97 -13.62
C ASP B 33 16.71 11.52 -12.56
N ALA B 34 17.53 10.66 -12.00
CA ALA B 34 18.35 11.01 -10.86
C ALA B 34 19.38 12.11 -11.17
N VAL B 35 19.89 12.16 -12.38
CA VAL B 35 20.87 13.18 -12.71
C VAL B 35 20.18 14.53 -12.85
N LYS B 36 19.10 14.56 -13.62
CA LYS B 36 18.33 15.78 -13.83
C LYS B 36 17.90 16.37 -12.49
N LEU B 37 17.41 15.51 -11.59
CA LEU B 37 16.89 16.00 -10.32
C LEU B 37 17.97 16.23 -9.25
N GLN B 38 19.22 15.86 -9.57
CA GLN B 38 20.36 16.00 -8.67
C GLN B 38 20.20 15.17 -7.41
N LEU B 39 19.78 13.92 -7.60
CA LEU B 39 19.57 12.98 -6.49
C LEU B 39 20.37 11.68 -6.70
N PRO B 40 21.69 11.77 -6.53
CA PRO B 40 22.51 10.58 -6.79
C PRO B 40 22.15 9.40 -5.94
N ASP B 41 21.51 9.60 -4.78
CA ASP B 41 21.21 8.45 -3.94
C ASP B 41 19.87 7.79 -4.23
N TYR B 42 19.11 8.27 -5.21
CA TYR B 42 17.72 7.81 -5.32
C TYR B 42 17.65 6.31 -5.58
N TYR B 43 18.45 5.82 -6.52
CA TYR B 43 18.35 4.41 -6.92
C TYR B 43 19.19 3.50 -6.03
N THR B 44 19.93 4.12 -5.09
CA THR B 44 20.54 3.39 -3.96
C THR B 44 19.48 3.09 -2.92
N ILE B 45 18.58 4.06 -2.72
CA ILE B 45 17.54 3.93 -1.70
C ILE B 45 16.34 3.16 -2.23
N ILE B 46 15.99 3.41 -3.48
CA ILE B 46 14.78 2.84 -4.07
C ILE B 46 15.18 1.74 -5.04
N LYS B 47 15.02 0.49 -4.60
CA LYS B 47 15.47 -0.65 -5.38
C LYS B 47 14.36 -1.25 -6.28
N ASN B 48 13.11 -0.87 -6.04
CA ASN B 48 11.98 -1.28 -6.88
C ASN B 48 11.25 -0.02 -7.38
N PRO B 49 11.90 0.74 -8.25
CA PRO B 49 11.27 1.97 -8.75
C PRO B 49 10.05 1.66 -9.57
N MET B 50 9.09 2.58 -9.54
CA MET B 50 7.85 2.39 -10.25
C MET B 50 7.25 3.74 -10.58
N ASP B 51 6.61 3.80 -11.74
CA ASP B 51 5.92 5.00 -12.18
C ASP B 51 4.70 4.63 -13.01
N LEU B 52 3.83 5.60 -13.27
CA LEU B 52 2.59 5.33 -13.99
C LEU B 52 2.81 4.90 -15.42
N ASN B 53 3.86 5.39 -16.08
CA ASN B 53 4.06 5.02 -17.46
C ASN B 53 4.48 3.56 -17.55
N THR B 54 5.27 3.09 -16.60
CA THR B 54 5.66 1.68 -16.53
C THR B 54 4.44 0.80 -16.32
N ILE B 55 3.55 1.23 -15.44
CA ILE B 55 2.32 0.48 -15.22
C ILE B 55 1.48 0.47 -16.51
N LYS B 56 1.37 1.63 -17.15
CA LYS B 56 0.62 1.76 -18.40
C LYS B 56 1.13 0.76 -19.43
N LYS B 57 2.44 0.71 -19.61
CA LYS B 57 3.01 -0.18 -20.61
C LYS B 57 2.81 -1.65 -20.22
N ARG B 58 2.87 -1.96 -18.93
CA ARG B 58 2.69 -3.33 -18.49
C ARG B 58 1.25 -3.77 -18.71
N LEU B 59 0.28 -2.89 -18.48
CA LEU B 59 -1.12 -3.22 -18.78
C LEU B 59 -1.36 -3.42 -20.28
N GLU B 60 -0.72 -2.58 -21.08
CA GLU B 60 -0.84 -2.64 -22.54
C GLU B 60 -0.25 -3.93 -23.10
N ASN B 61 0.85 -4.36 -22.50
CA ASN B 61 1.55 -5.56 -22.95
C ASN B 61 1.10 -6.83 -22.26
N LYS B 62 0.03 -6.73 -21.47
CA LYS B 62 -0.53 -7.88 -20.76
C LYS B 62 0.54 -8.54 -19.91
N TYR B 63 1.32 -7.71 -19.23
CA TYR B 63 2.40 -8.16 -18.37
C TYR B 63 1.87 -8.83 -17.11
N TYR B 64 0.77 -8.32 -16.59
CA TYR B 64 0.21 -8.81 -15.35
C TYR B 64 -0.70 -9.99 -15.57
N ALA B 65 -0.49 -11.05 -14.79
CA ALA B 65 -1.35 -12.21 -14.88
C ALA B 65 -2.61 -11.99 -14.05
N LYS B 66 -2.49 -11.23 -12.97
CA LYS B 66 -3.65 -10.98 -12.12
C LYS B 66 -3.65 -9.55 -11.60
N ALA B 67 -4.85 -9.08 -11.26
CA ALA B 67 -5.03 -7.69 -10.88
C ALA B 67 -4.19 -7.33 -9.64
N SER B 68 -4.08 -8.28 -8.72
CA SER B 68 -3.32 -8.01 -7.49
C SER B 68 -1.86 -7.61 -7.80
N GLU B 69 -1.30 -8.08 -8.91
CA GLU B 69 0.09 -7.77 -9.24
C GLU B 69 0.23 -6.32 -9.70
N CYS B 70 -0.77 -5.85 -10.41
CA CYS B 70 -0.80 -4.48 -10.87
C CYS B 70 -1.01 -3.55 -9.67
N ILE B 71 -1.94 -3.93 -8.80
CA ILE B 71 -2.15 -3.19 -7.56
C ILE B 71 -0.84 -3.10 -6.74
N GLU B 72 -0.07 -4.19 -6.66
CA GLU B 72 1.22 -4.10 -5.99
C GLU B 72 2.11 -3.00 -6.58
N ASP B 73 2.10 -2.84 -7.90
CA ASP B 73 2.97 -1.83 -8.51
C ASP B 73 2.51 -0.42 -8.16
N PHE B 74 1.20 -0.18 -8.16
CA PHE B 74 0.69 1.11 -7.70
C PHE B 74 1.15 1.37 -6.26
N ASN B 75 0.98 0.40 -5.38
CA ASN B 75 1.32 0.61 -3.98
C ASN B 75 2.82 0.86 -3.84
N THR B 76 3.63 0.16 -4.62
CA THR B 76 5.07 0.39 -4.60
C THR B 76 5.44 1.82 -4.96
N MET B 77 4.75 2.36 -5.97
CA MET B 77 4.99 3.74 -6.36
C MET B 77 4.74 4.68 -5.19
N PHE B 78 3.64 4.49 -4.47
CA PHE B 78 3.37 5.35 -3.31
C PHE B 78 4.39 5.09 -2.19
N SER B 79 4.64 3.82 -1.86
CA SER B 79 5.57 3.47 -0.79
C SER B 79 6.96 4.04 -1.06
N ASN B 80 7.41 3.99 -2.32
CA ASN B 80 8.71 4.58 -2.65
C ASN B 80 8.78 6.07 -2.30
N CYS B 81 7.70 6.79 -2.59
CA CYS B 81 7.63 8.22 -2.31
C CYS B 81 7.67 8.46 -0.79
N TYR B 82 6.91 7.68 -0.04
CA TYR B 82 6.90 7.84 1.42
C TYR B 82 8.25 7.49 2.02
N LEU B 83 8.90 6.48 1.50
CA LEU B 83 10.20 6.07 2.04
C LEU B 83 11.30 7.07 1.75
N TYR B 84 11.37 7.54 0.50
CA TYR B 84 12.48 8.40 0.11
C TYR B 84 12.40 9.81 0.70
N ASN B 85 11.18 10.33 0.77
CA ASN B 85 10.99 11.72 1.17
C ASN B 85 10.67 11.88 2.65
N LYS B 86 10.46 13.13 3.07
CA LYS B 86 10.26 13.41 4.49
C LYS B 86 8.84 13.84 4.73
N PRO B 87 8.35 13.58 5.93
CA PRO B 87 7.01 14.07 6.30
C PRO B 87 6.88 15.54 6.05
N GLY B 88 5.75 15.93 5.48
CA GLY B 88 5.46 17.32 5.19
C GLY B 88 5.94 17.83 3.86
N ASP B 89 6.74 17.03 3.16
CA ASP B 89 7.24 17.43 1.85
C ASP B 89 6.08 17.59 0.85
N ASP B 90 6.15 18.56 -0.05
CA ASP B 90 5.09 18.68 -1.03
C ASP B 90 4.86 17.41 -1.85
N ILE B 91 5.92 16.71 -2.22
CA ILE B 91 5.74 15.50 -3.04
C ILE B 91 4.95 14.42 -2.28
N VAL B 92 5.11 14.36 -0.96
CA VAL B 92 4.37 13.40 -0.15
C VAL B 92 2.90 13.77 -0.11
N LEU B 93 2.60 15.05 0.06
CA LEU B 93 1.21 15.51 0.01
C LEU B 93 0.58 15.18 -1.34
N MET B 94 1.33 15.32 -2.42
CA MET B 94 0.82 14.96 -3.73
C MET B 94 0.56 13.47 -3.85
N ALA B 95 1.51 12.64 -3.40
CA ALA B 95 1.34 11.20 -3.41
C ALA B 95 0.11 10.81 -2.56
N GLN B 96 -0.07 11.44 -1.42
CA GLN B 96 -1.21 11.13 -0.56
C GLN B 96 -2.54 11.43 -1.24
N ALA B 97 -2.59 12.54 -1.97
CA ALA B 97 -3.81 12.91 -2.67
C ALA B 97 -4.12 11.89 -3.76
N LEU B 98 -3.09 11.49 -4.51
CA LEU B 98 -3.24 10.46 -5.54
C LEU B 98 -3.64 9.11 -4.95
N GLU B 99 -3.05 8.79 -3.81
CA GLU B 99 -3.34 7.52 -3.18
C GLU B 99 -4.79 7.52 -2.70
N LYS B 100 -5.27 8.66 -2.21
CA LYS B 100 -6.68 8.75 -1.79
C LYS B 100 -7.60 8.41 -2.96
N LEU B 101 -7.29 8.96 -4.14
CA LEU B 101 -8.07 8.66 -5.32
C LEU B 101 -7.97 7.19 -5.71
N PHE B 102 -6.75 6.67 -5.63
CA PHE B 102 -6.54 5.26 -5.91
C PHE B 102 -7.40 4.39 -5.00
N MET B 103 -7.38 4.66 -3.70
CA MET B 103 -8.16 3.88 -2.75
C MET B 103 -9.65 3.98 -3.06
N GLN B 104 -10.09 5.18 -3.43
CA GLN B 104 -11.51 5.37 -3.70
C GLN B 104 -11.93 4.53 -4.90
N LYS B 105 -11.11 4.51 -5.94
CA LYS B 105 -11.42 3.70 -7.12
C LYS B 105 -11.32 2.20 -6.82
N LEU B 106 -10.36 1.80 -6.00
CA LEU B 106 -10.28 0.38 -5.65
C LEU B 106 -11.47 -0.11 -4.84
N SER B 107 -12.06 0.79 -4.06
CA SER B 107 -13.21 0.44 -3.25
C SER B 107 -14.42 0.11 -4.13
N GLN B 108 -14.34 0.50 -5.40
CA GLN B 108 -15.40 0.23 -6.37
C GLN B 108 -14.99 -0.80 -7.42
N MET B 109 -13.91 -1.53 -7.13
CA MET B 109 -13.49 -2.65 -7.96
C MET B 109 -14.64 -3.63 -8.24
N PRO B 110 -14.95 -3.91 -9.53
CA PRO B 110 -15.99 -4.89 -9.85
C PRO B 110 -15.68 -6.29 -9.30
N GLN B 111 -16.66 -7.06 -8.85
CA GLN B 111 -16.37 -8.32 -8.16
C GLN B 111 -16.03 -9.43 -9.15
N GLU B 112 -16.02 -9.10 -10.43
CA GLU B 112 -15.64 -10.04 -11.47
C GLU B 112 -14.19 -10.49 -11.26
N1 R78 C . 7.06 -0.16 17.73
N3 R78 C . 9.62 2.32 15.52
C4 R78 C . 6.60 0.37 16.59
C5 R78 C . 9.06 3.17 14.55
C6 R78 C . 7.80 2.61 13.88
C7 R78 C . 9.83 -0.15 20.10
C8 R78 C . 10.95 2.44 16.19
C10 R78 C . 7.55 4.55 16.14
C13 R78 C . 13.18 3.13 16.01
C15 R78 C . 11.13 3.42 17.30
C17 R78 C . 10.64 -0.40 22.36
C20 R78 C . 10.88 0.65 19.74
C21 R78 C . 12.63 0.82 23.15
C22 R78 C . 14.12 2.68 24.08
C24 R78 C . 16.31 3.53 24.63
C28 R78 C . 14.39 4.38 25.73
O2 R78 C . 12.74 0.14 24.15
N6 R78 C . 13.22 2.14 23.01
C29 R78 C . 13.50 3.83 24.66
N7 R78 C . 15.69 4.68 25.26
C30 R78 C . 16.38 5.10 26.17
C23 R78 C . 15.40 2.95 23.57
C18 R78 C . 11.69 0.44 22.02
C16 R78 C . 9.73 -0.70 21.39
O3 R78 C . 8.60 -1.51 21.60
C31 R78 C . 8.24 -1.91 22.95
C19 R78 C . 11.82 0.98 20.72
N5 R78 C . 8.75 -0.57 19.29
C1 R78 C . 8.32 0.08 18.16
N2 R78 C . 9.20 0.88 17.44
C2 R78 C . 8.76 1.44 16.31
C14 R78 C . 12.63 3.58 17.38
C12 R78 C . 11.94 2.82 15.15
C9 R78 C . 8.63 4.56 15.07
O1 R78 C . 7.46 3.03 12.78
N4 R78 C . 7.05 1.72 14.56
C11 R78 C . 5.88 1.12 13.93
C3 R78 C . 7.46 1.19 15.83
H4 R78 C . 5.70 0.15 16.27
H5 R78 C . 9.71 3.45 13.90
H8 R78 C . 11.21 1.52 16.54
H10 R78 C . 6.76 4.11 15.80
H10A R78 C . 7.89 4.04 16.95
H10B R78 C . 7.34 5.47 16.40
H13 R78 C . 13.70 3.85 15.60
H13A R78 C . 13.72 2.33 16.11
H15 R78 C . 10.70 4.25 17.09
H15A R78 C . 10.78 3.05 18.14
H17 R78 C . 10.55 -0.72 23.26
H20 R78 C . 10.96 1.03 18.82
H22 R78 C . 14.19 1.96 24.78
H24 R78 C . 17.17 3.82 24.19
H24A R78 C . 16.50 2.85 25.31
H28 R78 C . 13.99 5.20 26.12
H28A R78 C . 14.47 3.71 26.42
HN6 R78 C . 13.08 2.64 22.26
H29 R78 C . 13.35 4.50 23.99
H29A R78 C . 12.65 3.60 25.05
H30 R78 C . 16.54 4.37 26.83
H30A R78 C . 17.24 5.39 25.81
H30B R78 C . 15.94 5.87 26.61
H23 R78 C . 15.81 2.10 23.25
H23A R78 C . 15.32 3.58 22.83
H31 R78 C . 7.42 -1.37 23.00
H31A R78 C . 9.18 -1.96 23.31
H31B R78 C . 7.89 -2.68 23.46
H19 R78 C . 12.56 1.57 20.52
HN5 R78 C . 8.32 -1.32 19.54
H14 R78 C . 12.87 4.52 17.54
H14A R78 C . 13.00 3.01 18.09
H12 R78 C . 11.63 3.64 14.67
H12A R78 C . 12.10 2.07 14.54
H9 R78 C . 9.43 5.02 15.44
H9A R78 C . 8.30 5.08 14.32
H11 R78 C . 5.88 1.34 12.99
H11A R78 C . 5.08 1.47 14.35
H11B R78 C . 5.92 0.15 14.04
CL CL D . -6.21 -6.18 23.78
C1 EDO E . -0.70 9.59 7.68
O1 EDO E . -0.64 8.77 8.84
C2 EDO E . 0.56 10.44 7.64
O2 EDO E . 0.43 11.48 8.59
H11 EDO E . -1.58 10.23 7.72
H12 EDO E . -0.75 8.97 6.78
HO1 EDO E . -1.44 8.22 8.88
H21 EDO E . 1.44 9.84 7.86
H22 EDO E . 0.69 10.88 6.64
HO2 EDO E . 1.22 12.03 8.58
C1 EDO F . 0.79 8.01 3.97
O1 EDO F . -0.37 8.84 4.13
C2 EDO F . 1.21 7.55 5.37
O2 EDO F . 0.24 6.59 5.79
H11 EDO F . 0.56 7.14 3.35
H12 EDO F . 1.60 8.57 3.51
HO1 EDO F . -0.66 9.14 3.26
H21 EDO F . 2.21 7.10 5.33
H22 EDO F . 1.23 8.39 6.06
HO2 EDO F . 0.48 6.27 6.68
C1 EDO G . 1.22 8.55 23.80
O1 EDO G . 1.42 7.55 22.78
C2 EDO G . 1.04 7.90 25.18
O2 EDO G . 2.27 7.34 25.60
H11 EDO G . 0.33 9.15 23.56
H12 EDO G . 2.08 9.22 23.83
HO1 EDO G . 1.52 7.99 21.92
H21 EDO G . 0.71 8.66 25.89
H22 EDO G . 0.28 7.12 25.12
HO2 EDO G . 2.16 6.93 26.47
C1 EDO H . -6.67 -1.64 19.75
O1 EDO H . -7.36 -1.40 20.98
C2 EDO H . -5.27 -1.07 19.85
O2 EDO H . -4.57 -1.77 20.89
H11 EDO H . -6.62 -2.72 19.57
H12 EDO H . -7.21 -1.18 18.92
HO1 EDO H . -8.25 -1.75 20.93
H21 EDO H . -5.32 -0.01 20.08
H22 EDO H . -4.75 -1.19 18.90
HO2 EDO H . -3.67 -1.42 20.97
C1 EDO I . -4.26 16.53 16.62
O1 EDO I . -3.26 17.00 15.70
C2 EDO I . -4.95 15.34 16.00
O2 EDO I . -3.95 14.56 15.32
H11 EDO I . -3.80 16.25 17.56
H12 EDO I . -4.99 17.32 16.81
HO1 EDO I . -2.81 17.76 16.08
H21 EDO I . -5.43 14.73 16.76
H22 EDO I . -5.70 15.67 15.28
HO2 EDO I . -4.36 13.79 14.92
C1 EDO J . 4.64 -0.56 19.84
O1 EDO J . 5.70 -1.52 19.69
C2 EDO J . 5.25 0.70 20.42
O2 EDO J . 4.50 1.17 21.51
H11 EDO J . 4.19 -0.34 18.88
H12 EDO J . 3.86 -0.95 20.51
HO1 EDO J . 5.34 -2.34 19.32
H21 EDO J . 6.28 0.48 20.75
H22 EDO J . 5.31 1.47 19.65
HO2 EDO J . 4.91 1.96 21.87
C1 EDO K . -11.50 2.86 17.30
O1 EDO K . -10.16 2.43 17.03
C2 EDO K . -12.33 2.62 16.04
O2 EDO K . -12.02 1.31 15.55
H11 EDO K . -11.91 2.29 18.13
H12 EDO K . -11.50 3.92 17.55
HO1 EDO K . -9.61 2.57 17.82
H21 EDO K . -13.39 2.70 16.27
H22 EDO K . -12.09 3.37 15.28
HO2 EDO K . -12.54 1.15 14.75
C1 EDO L . -9.96 4.80 9.89
O1 EDO L . -9.01 3.76 9.59
C2 EDO L . -9.30 5.80 10.82
O2 EDO L . -8.50 5.10 11.78
H11 EDO L . -10.84 4.36 10.38
H12 EDO L . -10.28 5.29 8.97
HO1 EDO L . -9.42 3.11 9.00
H21 EDO L . -8.66 6.48 10.24
H22 EDO L . -10.05 6.40 11.32
HO2 EDO L . -8.07 5.73 12.37
C1 EDO M . -4.71 -13.06 17.41
O1 EDO M . -4.01 -12.39 18.44
C2 EDO M . -4.20 -12.59 16.05
O2 EDO M . -4.53 -13.59 15.08
H11 EDO M . -4.57 -14.15 17.50
H12 EDO M . -5.78 -12.85 17.48
HO1 EDO M . -4.33 -12.68 19.31
H21 EDO M . -4.64 -11.64 15.78
H22 EDO M . -3.11 -12.47 16.09
HO2 EDO M . -4.21 -13.31 14.22
C1 EDO N . -18.26 -12.09 8.41
O1 EDO N . -18.31 -11.53 9.72
C2 EDO N . -16.82 -12.13 7.95
O2 EDO N . -16.05 -12.73 9.00
H11 EDO N . -18.67 -13.10 8.43
H12 EDO N . -18.85 -11.48 7.72
HO1 EDO N . -19.22 -11.49 10.02
H21 EDO N . -16.74 -12.71 7.04
H22 EDO N . -16.46 -11.12 7.76
HO2 EDO N . -15.12 -12.78 8.74
N1 R78 O . 9.36 13.58 -9.96
N3 R78 O . 10.62 13.96 -5.94
C4 R78 O . 9.15 12.54 -9.13
C5 R78 O . 10.76 12.79 -5.17
C6 R78 O . 9.80 11.63 -5.60
C7 R78 O . 10.93 16.90 -10.23
C8 R78 O . 11.13 15.34 -5.65
C10 R78 O . 12.67 11.75 -6.62
C13 R78 O . 11.82 16.92 -4.07
C15 R78 O . 12.53 15.65 -6.02
C17 R78 O . 12.05 18.56 -11.54
C20 R78 O . 11.54 17.32 -9.07
C21 R78 O . 13.72 20.11 -10.54
C22 R78 O . 15.87 21.12 -9.66
C24 R78 O . 17.05 22.91 -8.60
C28 R78 O . 18.23 21.44 -10.06
O2 R78 O . 13.73 20.83 -11.51
N6 R78 O . 14.78 20.12 -9.55
C29 R78 O . 17.11 20.44 -9.94
N7 R78 O . 18.32 22.25 -8.91
C30 R78 O . 19.22 23.07 -8.99
C23 R78 O . 15.94 21.90 -8.49
C18 R78 O . 12.68 19.00 -10.38
C16 R78 O . 11.17 17.53 -11.46
O3 R78 O . 10.43 16.99 -12.55
C31 R78 O . 10.73 17.35 -13.92
C19 R78 O . 12.46 18.39 -9.15
N5 R78 O . 10.02 15.82 -10.37
C1 R78 O . 9.93 14.74 -9.50
N2 R78 O . 10.33 14.89 -8.19
C2 R78 O . 10.18 13.84 -7.34
C14 R78 O . 12.85 16.91 -5.23
C12 R78 O . 11.02 15.61 -4.20
C9 R78 O . 12.19 12.18 -5.26
O1 R78 O . 9.54 10.76 -4.78
N4 R78 O . 9.32 11.58 -6.87
C11 R78 O . 8.41 10.53 -7.24
C3 R78 O . 9.60 12.64 -7.79
H4 R78 O . 8.72 11.72 -9.47
H5 R78 O . 10.72 12.96 -4.24
H8 R78 O . 10.53 15.99 -6.13
H10 R78 O . 13.56 11.36 -6.55
H10A R78 O . 12.05 11.05 -6.99
H10B R78 O . 12.68 12.52 -7.23
H13 R78 O . 12.29 16.95 -3.21
H13A R78 O . 11.24 17.69 -4.16
H15 R78 O . 12.62 15.81 -6.96
H15A R78 O . 13.14 14.92 -5.77
H17 R78 O . 12.23 18.99 -12.39
H20 R78 O . 11.37 16.86 -8.21
H22 R78 O . 15.65 21.72 -10.42
H24 R78 O . 16.83 23.54 -9.36
H24A R78 O . 17.15 23.42 -7.77
H28 R78 O . 19.10 20.97 -10.20
H28A R78 O . 18.05 22.00 -10.81
HN6 R78 O . 14.77 19.53 -8.85
H29 R78 O . 17.03 19.93 -10.75
H29A R78 O . 17.32 19.84 -9.20
H30 R78 O . 19.01 23.72 -9.70
H30A R78 O . 20.04 22.61 -9.20
H30B R78 O . 19.32 23.54 -8.11
H23 R78 O . 15.08 22.40 -8.37
H23A R78 O . 16.12 21.32 -7.72
H31 R78 O . 11.18 18.20 -13.70
H31A R78 O . 10.93 16.42 -14.23
H31B R78 O . 10.31 17.66 -14.75
H19 R78 O . 12.93 18.69 -8.35
HN5 R78 O . 9.45 15.84 -11.06
H14 R78 O . 13.76 16.87 -4.87
H14A R78 O . 12.73 17.69 -5.80
H12 R78 O . 11.44 14.89 -3.67
H12A R78 O . 10.08 15.75 -3.95
H9 R78 O . 12.82 12.85 -4.91
H9A R78 O . 12.22 11.41 -4.67
H11 R78 O . 8.12 10.06 -6.44
H11A R78 O . 8.87 9.90 -7.84
H11B R78 O . 7.64 10.91 -7.70
C1 EDO P . 12.70 0.27 -1.58
O1 EDO P . 14.06 0.24 -1.91
C2 EDO P . 11.89 -0.48 -2.65
O2 EDO P . 11.73 0.36 -3.80
H11 EDO P . 12.54 -0.20 -0.60
H12 EDO P . 12.36 1.30 -1.52
HO1 EDO P . 14.58 0.71 -1.24
H21 EDO P . 12.41 -1.39 -2.93
H22 EDO P . 10.91 -0.75 -2.24
HO2 EDO P . 11.22 -0.10 -4.47
C1 EDO Q . 19.61 8.79 -15.34
O1 EDO Q . 19.63 10.22 -15.24
C2 EDO Q . 19.47 8.19 -13.95
O2 EDO Q . 18.10 8.15 -13.55
H11 EDO Q . 20.54 8.45 -15.80
H12 EDO Q . 18.78 8.48 -15.97
HO1 EDO Q . 19.71 10.60 -16.11
H21 EDO Q . 20.04 8.79 -13.23
H22 EDO Q . 19.88 7.18 -13.93
HO2 EDO Q . 18.02 7.76 -12.66
C1 EDO R . 11.10 12.64 -13.88
O1 EDO R . 12.46 12.64 -13.47
C2 EDO R . 10.17 12.59 -12.69
O2 EDO R . 9.26 13.72 -12.76
H11 EDO R . 10.90 11.79 -14.53
H12 EDO R . 10.89 13.55 -14.46
HO1 EDO R . 13.03 12.68 -14.25
H21 EDO R . 9.60 11.65 -12.70
H22 EDO R . 10.74 12.63 -11.76
HO2 EDO R . 8.66 13.70 -12.00
C1 EDO S . 9.26 1.06 -0.57
O1 EDO S . 8.49 0.68 -1.72
C2 EDO S . 8.94 0.07 0.54
O2 EDO S . 9.57 -1.16 0.21
H11 EDO S . 10.32 1.04 -0.81
H12 EDO S . 9.00 2.08 -0.26
HO1 EDO S . 8.67 1.30 -2.45
H21 EDO S . 9.32 0.45 1.50
H22 EDO S . 7.85 -0.06 0.62
HO2 EDO S . 9.39 -1.82 0.90
C1 EDO T . -4.18 5.16 -20.04
O1 EDO T . -5.35 4.43 -19.63
C2 EDO T . -4.06 6.45 -19.23
O2 EDO T . -2.80 7.08 -19.51
H11 EDO T . -3.29 4.55 -19.90
H12 EDO T . -4.27 5.41 -21.11
HO1 EDO T . -5.41 3.62 -20.14
H21 EDO T . -4.12 6.22 -18.17
H22 EDO T . -4.87 7.13 -19.48
HO2 EDO T . -2.72 7.89 -19.00
C1 EDO U . 14.18 -3.02 -10.44
O1 EDO U . 13.79 -4.39 -10.64
C2 EDO U . 14.26 -2.28 -11.78
O2 EDO U . 15.00 -1.06 -11.65
H11 EDO U . 15.16 -2.99 -9.95
H12 EDO U . 13.45 -2.52 -9.79
HO1 EDO U . 13.74 -4.83 -9.80
H21 EDO U . 14.74 -2.93 -12.52
H22 EDO U . 13.25 -2.07 -12.13
HO2 EDO U . 15.04 -0.61 -12.51
#